data_7CI6
#
_entry.id   7CI6
#
_cell.length_a   50.475
_cell.length_b   50.772
_cell.length_c   76.063
_cell.angle_alpha   76.18
_cell.angle_beta   72.38
_cell.angle_gamma   61.57
#
_symmetry.space_group_name_H-M   'P 1'
#
loop_
_entity.id
_entity.type
_entity.pdbx_description
1 polymer 'UDP-3-O-acyl-N-acetylglucosamine deacetylase'
2 non-polymer (1S)-1-[1-[3-(4-chlorophenyl)propyl]imidazol-2-yl]ethanol
3 non-polymer 'ZINC ION'
4 non-polymer 'CHLORIDE ION'
5 water water
#
_entity_poly.entity_id   1
_entity_poly.type   'polypeptide(L)'
_entity_poly.pdbx_seq_one_letter_code
;MIKQRTLKNIIRATGVGLHSGEKVYLTLKPAPVDTGIVFSRTDLDPVVEIPARAENVGETTMSTTLVKGDVKVDTVEHLL
SAMAGLGIDNAYVELSASEVPIMDGSAGPFVFLIQSAGLQEQEAAKKFIRIKREVSVEEGDKRAVFVPFDGFKVSFEIDF
DHPVFRGRTQQASVDFSSTSFVKEVSRARTFGFMRDIEYLRSQNLALGGSVENAIVVDENRVLNEDGLRYEDEFVKHKIL
DAIGDLYLLGNSLIGEFRGFKSGHALNNQLLRTLIADKDAWEVVTFEDARTAPISYMRP
;
_entity_poly.pdbx_strand_id   A,B
#
loop_
_chem_comp.id
_chem_comp.type
_chem_comp.name
_chem_comp.formula
CL non-polymer 'CHLORIDE ION' 'Cl -1'
FY6 non-polymer (1S)-1-[1-[3-(4-chlorophenyl)propyl]imidazol-2-yl]ethanol 'C14 H17 Cl N2 O'
ZN non-polymer 'ZINC ION' 'Zn 2'
#
# COMPACT_ATOMS: atom_id res chain seq x y z
N MET A 1 20.03 40.03 -20.53
CA MET A 1 19.90 40.01 -19.05
C MET A 1 18.72 39.12 -18.63
N ILE A 2 18.69 38.74 -17.34
CA ILE A 2 17.56 37.97 -16.75
C ILE A 2 16.49 38.99 -16.33
N LYS A 3 15.32 38.90 -16.97
CA LYS A 3 14.25 39.92 -16.86
C LYS A 3 13.20 39.46 -15.85
N GLN A 4 12.42 40.42 -15.35
CA GLN A 4 11.26 40.14 -14.46
C GLN A 4 10.18 39.48 -15.30
N ARG A 5 9.24 38.79 -14.66
CA ARG A 5 8.14 38.10 -15.38
C ARG A 5 6.81 38.51 -14.75
N THR A 6 5.76 38.44 -15.57
CA THR A 6 4.36 38.67 -15.14
C THR A 6 3.42 37.77 -15.94
N LEU A 7 2.13 37.80 -15.62
CA LEU A 7 1.11 37.00 -16.34
C LEU A 7 0.84 37.62 -17.72
N LYS A 8 0.71 36.75 -18.71
CA LYS A 8 0.39 37.11 -20.12
C LYS A 8 -1.08 37.49 -20.18
N ASN A 9 -1.90 36.87 -19.34
CA ASN A 9 -3.37 36.99 -19.43
C ASN A 9 -4.00 37.03 -18.05
N ILE A 10 -5.25 37.45 -18.02
CA ILE A 10 -6.15 37.32 -16.85
C ILE A 10 -6.65 35.88 -16.80
N ILE A 11 -6.82 35.36 -15.59
CA ILE A 11 -7.46 34.04 -15.33
C ILE A 11 -8.40 34.22 -14.16
N ARG A 12 -9.47 33.45 -14.14
CA ARG A 12 -10.32 33.42 -12.94
C ARG A 12 -10.36 31.99 -12.42
N ALA A 13 -10.57 31.87 -11.12
CA ALA A 13 -10.74 30.62 -10.40
C ALA A 13 -11.80 30.84 -9.32
N THR A 14 -12.21 29.78 -8.65
CA THR A 14 -13.26 29.82 -7.61
C THR A 14 -13.06 28.58 -6.75
N GLY A 15 -13.15 28.72 -5.43
CA GLY A 15 -12.92 27.60 -4.49
C GLY A 15 -13.42 27.92 -3.08
N VAL A 16 -12.84 27.28 -2.07
CA VAL A 16 -13.26 27.52 -0.65
C VAL A 16 -12.04 27.69 0.27
N GLY A 17 -12.17 28.65 1.20
CA GLY A 17 -11.29 28.81 2.38
C GLY A 17 -11.28 27.56 3.25
N LEU A 18 -10.07 27.05 3.54
CA LEU A 18 -9.82 25.90 4.44
C LEU A 18 -10.24 26.25 5.87
N HIS A 19 -9.86 27.42 6.38
CA HIS A 19 -10.07 27.81 7.80
C HIS A 19 -11.42 28.51 7.94
N SER A 20 -11.75 29.40 7.01
CA SER A 20 -13.01 30.18 7.04
C SER A 20 -14.19 29.28 6.67
N GLY A 21 -14.09 28.54 5.56
CA GLY A 21 -15.20 27.69 5.05
C GLY A 21 -16.02 28.41 4.00
N GLU A 22 -15.83 29.72 3.80
CA GLU A 22 -16.51 30.57 2.78
C GLU A 22 -16.10 30.21 1.34
N LYS A 23 -17.04 30.30 0.38
CA LYS A 23 -16.72 30.36 -1.07
C LYS A 23 -15.90 31.62 -1.32
N VAL A 24 -14.95 31.57 -2.25
CA VAL A 24 -14.14 32.78 -2.61
C VAL A 24 -13.89 32.81 -4.11
N TYR A 25 -13.94 34.00 -4.70
CA TYR A 25 -13.55 34.24 -6.11
C TYR A 25 -12.12 34.80 -6.11
N LEU A 26 -11.24 34.19 -6.90
CA LEU A 26 -9.83 34.60 -7.02
C LEU A 26 -9.60 35.05 -8.45
N THR A 27 -9.04 36.24 -8.65
CA THR A 27 -8.60 36.67 -10.02
C THR A 27 -7.13 37.03 -9.99
N LEU A 28 -6.42 36.62 -11.03
CA LEU A 28 -4.98 36.91 -11.19
C LEU A 28 -4.82 37.87 -12.37
N LYS A 29 -3.96 38.86 -12.23
CA LYS A 29 -3.82 39.90 -13.28
C LYS A 29 -2.35 40.22 -13.52
N PRO A 30 -1.97 40.54 -14.76
CA PRO A 30 -0.66 41.13 -15.03
C PRO A 30 -0.48 42.42 -14.22
N ALA A 31 0.76 42.76 -13.90
CA ALA A 31 1.12 43.98 -13.14
C ALA A 31 2.39 44.62 -13.69
N PRO A 32 2.57 45.94 -13.46
CA PRO A 32 3.76 46.67 -13.93
C PRO A 32 5.08 46.24 -13.26
N VAL A 33 6.20 46.52 -13.90
CA VAL A 33 7.56 46.18 -13.39
C VAL A 33 7.77 46.85 -12.03
N ASP A 34 8.38 46.11 -11.11
CA ASP A 34 8.75 46.47 -9.71
C ASP A 34 7.53 46.53 -8.79
N THR A 35 6.34 46.10 -9.24
CA THR A 35 5.11 46.05 -8.41
C THR A 35 5.20 44.99 -7.30
N GLY A 36 5.78 43.84 -7.61
CA GLY A 36 5.79 42.67 -6.71
C GLY A 36 4.43 42.02 -6.73
N ILE A 37 4.07 41.29 -5.68
CA ILE A 37 2.75 40.60 -5.61
C ILE A 37 1.82 41.40 -4.70
N VAL A 38 0.76 42.01 -5.22
CA VAL A 38 -0.20 42.77 -4.37
C VAL A 38 -1.52 42.00 -4.25
N PHE A 39 -2.05 41.93 -3.04
CA PHE A 39 -3.32 41.24 -2.70
C PHE A 39 -4.41 42.29 -2.50
N SER A 40 -5.51 42.14 -3.24
CA SER A 40 -6.61 43.13 -3.31
C SER A 40 -7.92 42.50 -2.81
N ARG A 41 -8.59 43.17 -1.86
CA ARG A 41 -9.91 42.73 -1.34
C ARG A 41 -11.01 43.53 -2.05
N THR A 42 -11.62 42.94 -3.09
CA THR A 42 -12.60 43.62 -3.97
C THR A 42 -13.99 43.68 -3.35
N ASP A 43 -14.25 42.88 -2.31
CA ASP A 43 -15.54 42.88 -1.57
C ASP A 43 -15.58 44.02 -0.55
N LEU A 44 -14.60 44.93 -0.53
CA LEU A 44 -14.62 46.11 0.39
C LEU A 44 -14.73 47.39 -0.42
N ASP A 45 -15.35 48.41 0.19
CA ASP A 45 -15.53 49.75 -0.40
C ASP A 45 -14.86 50.75 0.53
N PRO A 46 -13.70 51.34 0.18
CA PRO A 46 -13.05 51.13 -1.12
C PRO A 46 -12.30 49.79 -1.14
N VAL A 47 -11.73 49.44 -2.29
CA VAL A 47 -10.86 48.24 -2.44
C VAL A 47 -9.64 48.43 -1.54
N VAL A 48 -9.25 47.39 -0.81
CA VAL A 48 -8.06 47.46 0.09
C VAL A 48 -6.93 46.58 -0.44
N GLU A 49 -5.72 47.16 -0.47
CA GLU A 49 -4.50 46.55 -1.02
C GLU A 49 -3.53 46.27 0.13
N ILE A 50 -3.22 44.98 0.33
CA ILE A 50 -2.11 44.54 1.23
C ILE A 50 -1.03 43.94 0.33
N PRO A 51 0.07 44.65 0.06
CA PRO A 51 1.22 44.03 -0.60
C PRO A 51 1.68 42.73 0.10
N ALA A 52 2.14 41.75 -0.68
CA ALA A 52 2.71 40.47 -0.17
C ALA A 52 4.18 40.66 0.21
N ARG A 53 4.42 41.11 1.44
CA ARG A 53 5.78 41.43 1.96
C ARG A 53 5.88 41.03 3.43
N ALA A 54 7.06 40.61 3.87
CA ALA A 54 7.32 40.04 5.20
C ALA A 54 6.77 40.96 6.30
N GLU A 55 6.87 42.28 6.11
CA GLU A 55 6.51 43.32 7.12
C GLU A 55 4.98 43.43 7.32
N ASN A 56 4.15 42.88 6.44
CA ASN A 56 2.66 42.95 6.56
C ASN A 56 2.11 41.66 7.19
N VAL A 57 2.94 40.67 7.46
CA VAL A 57 2.46 39.38 8.07
C VAL A 57 1.98 39.67 9.50
N GLY A 58 0.78 39.18 9.82
CA GLY A 58 0.20 39.28 11.16
C GLY A 58 0.20 37.93 11.81
N GLU A 59 -0.93 37.24 11.79
CA GLU A 59 -1.08 35.91 12.42
C GLU A 59 -0.23 34.90 11.65
N THR A 60 0.50 34.05 12.37
CA THR A 60 1.30 32.96 11.78
C THR A 60 0.99 31.65 12.51
N THR A 61 -0.15 31.58 13.20
CA THR A 61 -0.42 30.48 14.17
C THR A 61 -0.75 29.17 13.44
N MET A 62 -1.51 29.16 12.34
CA MET A 62 -1.77 27.89 11.62
C MET A 62 -1.81 28.13 10.10
N SER A 63 -1.34 29.29 9.67
CA SER A 63 -1.34 29.75 8.26
C SER A 63 -0.54 31.04 8.17
N THR A 64 -0.14 31.51 7.00
CA THR A 64 0.50 32.84 6.85
C THR A 64 -0.57 33.87 6.53
N THR A 65 -0.70 34.89 7.37
CA THR A 65 -1.81 35.88 7.29
C THR A 65 -1.28 37.30 7.23
N LEU A 66 -1.65 38.06 6.18
CA LEU A 66 -1.27 39.49 5.97
C LEU A 66 -2.26 40.44 6.69
N VAL A 67 -1.77 41.55 7.26
CA VAL A 67 -2.64 42.47 8.05
C VAL A 67 -2.45 43.95 7.69
N LYS A 68 -3.55 44.60 7.32
CA LYS A 68 -3.61 46.05 7.05
C LYS A 68 -4.74 46.62 7.91
N GLY A 69 -4.42 46.83 9.19
CA GLY A 69 -5.38 47.28 10.20
C GLY A 69 -6.52 46.29 10.32
N ASP A 70 -7.73 46.76 10.02
CA ASP A 70 -8.99 45.97 10.01
C ASP A 70 -8.83 44.72 9.14
N VAL A 71 -8.34 44.90 7.91
CA VAL A 71 -8.55 43.93 6.79
C VAL A 71 -7.46 42.87 6.85
N LYS A 72 -7.79 41.65 6.45
CA LYS A 72 -6.80 40.55 6.39
C LYS A 72 -6.95 39.79 5.06
N VAL A 73 -5.87 39.18 4.62
CA VAL A 73 -5.87 38.12 3.58
C VAL A 73 -5.20 36.90 4.21
N ASP A 74 -5.80 35.73 4.09
CA ASP A 74 -5.38 34.57 4.91
C ASP A 74 -4.91 33.40 4.03
N THR A 75 -4.02 32.58 4.59
CA THR A 75 -3.51 31.33 3.96
C THR A 75 -2.93 31.63 2.58
N VAL A 76 -1.92 32.51 2.52
CA VAL A 76 -1.32 32.97 1.22
C VAL A 76 -0.21 32.02 0.77
N GLU A 77 0.22 31.06 1.59
CA GLU A 77 1.55 30.42 1.41
C GLU A 77 1.60 29.55 0.15
N HIS A 78 0.62 28.70 -0.09
CA HIS A 78 0.58 27.75 -1.24
C HIS A 78 0.63 28.51 -2.58
N LEU A 79 -0.16 29.58 -2.70
CA LEU A 79 -0.26 30.39 -3.94
C LEU A 79 1.09 31.08 -4.14
N LEU A 80 1.67 31.62 -3.06
CA LEU A 80 2.93 32.38 -3.12
C LEU A 80 4.10 31.44 -3.45
N SER A 81 3.96 30.13 -3.17
CA SER A 81 4.94 29.09 -3.55
C SER A 81 4.90 28.78 -5.06
N ALA A 82 3.70 28.68 -5.63
CA ALA A 82 3.53 28.40 -7.08
C ALA A 82 4.18 29.56 -7.85
N MET A 83 3.90 30.77 -7.40
CA MET A 83 4.40 32.03 -7.99
C MET A 83 5.92 32.12 -7.90
N ALA A 84 6.52 31.86 -6.73
CA ALA A 84 7.98 31.76 -6.56
C ALA A 84 8.50 30.63 -7.44
N GLY A 85 7.73 29.54 -7.51
CA GLY A 85 8.08 28.31 -8.24
C GLY A 85 8.20 28.52 -9.73
N LEU A 86 7.41 29.43 -10.30
CA LEU A 86 7.45 29.68 -11.75
C LEU A 86 8.13 31.01 -12.05
N GLY A 87 8.63 31.69 -11.02
CA GLY A 87 9.39 32.94 -11.16
C GLY A 87 8.50 34.14 -11.45
N ILE A 88 7.29 34.18 -10.89
CA ILE A 88 6.38 35.34 -11.10
C ILE A 88 6.82 36.46 -10.14
N ASP A 89 7.33 37.55 -10.70
CA ASP A 89 7.76 38.75 -9.94
C ASP A 89 6.56 39.64 -9.64
N ASN A 90 5.75 39.94 -10.65
CA ASN A 90 4.69 40.96 -10.54
C ASN A 90 3.35 40.39 -10.97
N ALA A 91 2.35 40.48 -10.10
CA ALA A 91 0.96 40.07 -10.37
C ALA A 91 0.04 40.72 -9.36
N TYR A 92 -1.18 41.04 -9.79
CA TYR A 92 -2.27 41.43 -8.88
C TYR A 92 -3.07 40.17 -8.59
N VAL A 93 -3.39 39.97 -7.32
CA VAL A 93 -4.33 38.93 -6.85
C VAL A 93 -5.53 39.64 -6.23
N GLU A 94 -6.70 39.37 -6.78
CA GLU A 94 -7.96 39.92 -6.25
C GLU A 94 -8.69 38.77 -5.56
N LEU A 95 -9.18 39.02 -4.36
CA LEU A 95 -10.02 38.05 -3.61
C LEU A 95 -11.36 38.71 -3.28
N SER A 96 -12.42 37.92 -3.30
CA SER A 96 -13.78 38.34 -2.90
C SER A 96 -14.04 37.89 -1.47
N ALA A 97 -13.06 37.32 -0.78
CA ALA A 97 -13.23 36.90 0.62
C ALA A 97 -11.90 36.99 1.38
N SER A 98 -11.96 36.87 2.70
CA SER A 98 -10.83 37.10 3.62
C SER A 98 -9.70 36.08 3.39
N GLU A 99 -10.00 34.89 2.84
CA GLU A 99 -9.02 33.77 2.73
C GLU A 99 -8.87 33.32 1.28
N VAL A 100 -7.65 32.95 0.90
CA VAL A 100 -7.30 32.35 -0.42
C VAL A 100 -7.90 30.95 -0.47
N PRO A 101 -8.43 30.51 -1.64
CA PRO A 101 -8.99 29.18 -1.77
C PRO A 101 -7.96 28.05 -1.58
N ILE A 102 -8.33 27.07 -0.75
CA ILE A 102 -7.45 25.92 -0.42
C ILE A 102 -7.22 25.05 -1.66
N MET A 103 -8.23 24.92 -2.52
CA MET A 103 -8.21 24.07 -3.75
C MET A 103 -8.03 22.60 -3.33
N ASP A 104 -6.99 21.90 -3.82
CA ASP A 104 -6.70 20.49 -3.46
C ASP A 104 -5.75 20.42 -2.26
N GLY A 105 -5.41 21.55 -1.64
CA GLY A 105 -4.46 21.63 -0.50
C GLY A 105 -3.01 21.65 -0.93
N SER A 106 -2.73 21.85 -2.21
CA SER A 106 -1.35 21.92 -2.77
C SER A 106 -1.19 23.16 -3.65
N ALA A 107 0.01 23.38 -4.20
CA ALA A 107 0.32 24.48 -5.14
C ALA A 107 0.03 24.06 -6.59
N GLY A 108 -0.43 22.83 -6.83
CA GLY A 108 -0.65 22.27 -8.19
C GLY A 108 -1.67 23.08 -9.00
N PRO A 109 -2.87 23.38 -8.44
CA PRO A 109 -3.92 24.10 -9.16
C PRO A 109 -3.53 25.52 -9.58
N PHE A 110 -2.81 26.24 -8.72
CA PHE A 110 -2.26 27.59 -9.02
C PHE A 110 -1.20 27.50 -10.10
N VAL A 111 -0.42 26.40 -10.13
CA VAL A 111 0.63 26.18 -11.17
C VAL A 111 -0.06 26.02 -12.51
N PHE A 112 -1.14 25.22 -12.53
CA PHE A 112 -2.01 25.00 -13.72
C PHE A 112 -2.56 26.35 -14.22
N LEU A 113 -3.09 27.17 -13.29
CA LEU A 113 -3.62 28.55 -13.55
C LEU A 113 -2.54 29.44 -14.21
N ILE A 114 -1.33 29.54 -13.64
CA ILE A 114 -0.22 30.40 -14.16
C ILE A 114 0.24 29.91 -15.56
N GLN A 115 0.44 28.61 -15.76
CA GLN A 115 0.90 28.06 -17.08
C GLN A 115 -0.13 28.34 -18.19
N SER A 116 -1.43 28.22 -17.91
CA SER A 116 -2.52 28.44 -18.91
C SER A 116 -2.55 29.93 -19.31
N ALA A 117 -2.49 30.83 -18.34
CA ALA A 117 -2.40 32.29 -18.56
C ALA A 117 -1.10 32.63 -19.31
N GLY A 118 0.01 31.96 -18.98
CA GLY A 118 1.32 32.20 -19.63
C GLY A 118 2.15 33.22 -18.87
N LEU A 119 3.47 33.17 -19.04
CA LEU A 119 4.42 34.14 -18.45
C LEU A 119 4.76 35.21 -19.50
N GLN A 120 4.82 36.47 -19.08
CA GLN A 120 5.26 37.60 -19.92
C GLN A 120 6.57 38.19 -19.39
N GLU A 121 7.63 38.14 -20.18
CA GLU A 121 8.90 38.84 -19.84
C GLU A 121 8.62 40.35 -19.86
N GLN A 122 9.36 41.11 -19.05
CA GLN A 122 9.21 42.57 -18.94
C GLN A 122 10.56 43.24 -19.22
N GLU A 123 10.57 44.47 -19.70
CA GLU A 123 11.84 45.16 -20.07
C GLU A 123 12.42 45.79 -18.79
N ALA A 124 12.83 44.95 -17.85
CA ALA A 124 13.42 45.39 -16.57
C ALA A 124 14.17 44.22 -15.97
N ALA A 125 15.33 44.50 -15.36
CA ALA A 125 16.21 43.50 -14.73
C ALA A 125 15.52 42.87 -13.52
N LYS A 126 15.67 41.56 -13.40
CA LYS A 126 15.17 40.75 -12.26
C LYS A 126 16.19 40.83 -11.16
N LYS A 127 15.71 41.09 -9.97
CA LYS A 127 16.56 41.32 -8.79
C LYS A 127 16.42 40.11 -7.88
N PHE A 128 17.50 39.82 -7.17
CA PHE A 128 17.62 38.69 -6.23
C PHE A 128 18.24 39.20 -4.95
N ILE A 129 17.91 38.55 -3.84
CA ILE A 129 18.54 38.77 -2.52
C ILE A 129 19.58 37.66 -2.37
N ARG A 130 20.84 38.03 -2.17
CA ARG A 130 21.94 37.04 -2.03
C ARG A 130 22.30 36.97 -0.55
N ILE A 131 22.36 35.77 0.02
CA ILE A 131 22.74 35.57 1.45
C ILE A 131 24.27 35.63 1.52
N LYS A 132 24.80 36.66 2.19
CA LYS A 132 26.26 36.91 2.30
C LYS A 132 26.84 36.16 3.49
N ARG A 133 26.09 36.06 4.61
CA ARG A 133 26.52 35.31 5.83
C ARG A 133 25.29 34.77 6.58
N GLU A 134 25.52 33.77 7.45
CA GLU A 134 24.47 32.95 8.10
C GLU A 134 23.58 33.79 9.06
N VAL A 135 22.28 33.49 9.06
CA VAL A 135 21.28 34.10 10.00
C VAL A 135 20.42 32.97 10.56
N SER A 136 20.09 33.01 11.85
CA SER A 136 19.42 31.88 12.55
C SER A 136 18.35 32.39 13.51
N VAL A 137 17.32 31.58 13.78
CA VAL A 137 16.24 31.87 14.77
C VAL A 137 15.83 30.58 15.46
N GLU A 138 15.66 30.61 16.78
CA GLU A 138 15.38 29.41 17.61
C GLU A 138 14.17 29.73 18.48
N GLU A 139 13.24 28.79 18.62
CA GLU A 139 12.04 28.94 19.48
C GLU A 139 11.87 27.66 20.29
N GLY A 140 12.63 27.52 21.38
CA GLY A 140 12.76 26.25 22.12
C GLY A 140 13.28 25.15 21.20
N ASP A 141 12.54 24.06 21.05
CA ASP A 141 12.94 22.86 20.27
C ASP A 141 13.02 23.18 18.76
N LYS A 142 12.29 24.19 18.25
CA LYS A 142 12.23 24.52 16.80
C LYS A 142 13.39 25.44 16.37
N ARG A 143 13.77 25.41 15.09
CA ARG A 143 14.91 26.20 14.56
C ARG A 143 14.79 26.44 13.04
N ALA A 144 15.36 27.53 12.53
CA ALA A 144 15.39 27.88 11.08
C ALA A 144 16.56 28.82 10.78
N VAL A 145 17.15 28.72 9.59
CA VAL A 145 18.42 29.43 9.30
C VAL A 145 18.65 29.55 7.78
N PHE A 146 19.17 30.71 7.37
CA PHE A 146 19.64 31.00 6.00
C PHE A 146 21.15 30.86 6.00
N VAL A 147 21.73 30.13 5.04
CA VAL A 147 23.21 30.06 4.89
C VAL A 147 23.56 30.43 3.46
N PRO A 148 24.77 30.98 3.18
CA PRO A 148 25.15 31.24 1.80
C PRO A 148 25.28 29.98 0.93
N PHE A 149 24.83 30.08 -0.31
CA PHE A 149 24.80 28.96 -1.28
C PHE A 149 24.72 29.55 -2.70
N ASP A 150 25.27 28.85 -3.68
CA ASP A 150 25.34 29.32 -5.09
C ASP A 150 24.15 28.74 -5.85
N GLY A 151 22.94 29.23 -5.54
CA GLY A 151 21.66 28.74 -6.10
C GLY A 151 20.56 28.83 -5.06
N PHE A 152 19.55 27.95 -5.14
CA PHE A 152 18.47 27.92 -4.11
C PHE A 152 18.22 26.48 -3.66
N LYS A 153 18.46 26.26 -2.38
CA LYS A 153 18.36 24.93 -1.75
C LYS A 153 17.55 25.09 -0.47
N VAL A 154 16.49 24.30 -0.36
CA VAL A 154 15.60 24.26 0.82
C VAL A 154 15.80 22.89 1.44
N SER A 155 15.97 22.83 2.75
CA SER A 155 16.14 21.54 3.45
C SER A 155 15.20 21.55 4.64
N PHE A 156 14.61 20.41 4.95
CA PHE A 156 13.65 20.34 6.07
C PHE A 156 13.80 19.05 6.87
N GLU A 157 13.59 19.16 8.17
CA GLU A 157 13.70 18.04 9.13
C GLU A 157 12.51 18.11 10.08
N ILE A 158 11.74 17.03 10.19
CA ILE A 158 10.50 17.06 11.02
C ILE A 158 10.54 15.89 11.99
N ASP A 159 10.24 16.16 13.25
CA ASP A 159 10.38 15.17 14.34
C ASP A 159 9.03 15.07 15.06
N PHE A 160 8.01 14.63 14.33
CA PHE A 160 6.64 14.38 14.84
C PHE A 160 6.70 13.23 15.85
N ASP A 161 5.74 13.22 16.77
CA ASP A 161 5.55 12.09 17.70
C ASP A 161 4.18 11.51 17.39
N HIS A 162 4.02 11.04 16.16
CA HIS A 162 2.77 10.40 15.67
C HIS A 162 3.12 9.01 15.19
N PRO A 163 2.24 8.02 15.44
CA PRO A 163 2.48 6.64 15.02
C PRO A 163 2.66 6.46 13.51
N VAL A 164 2.12 7.35 12.70
CA VAL A 164 2.14 7.26 11.21
C VAL A 164 3.57 7.18 10.68
N PHE A 165 4.55 7.73 11.40
CA PHE A 165 5.94 7.91 10.92
C PHE A 165 6.89 6.79 11.39
N ARG A 166 6.47 5.89 12.29
CA ARG A 166 7.21 4.67 12.76
C ARG A 166 8.44 5.05 13.62
N GLY A 167 8.29 6.08 14.47
CA GLY A 167 9.31 6.50 15.44
C GLY A 167 10.40 7.37 14.82
N ARG A 168 10.42 7.49 13.49
CA ARG A 168 11.50 8.15 12.71
C ARG A 168 11.18 9.63 12.51
N THR A 169 12.19 10.40 12.11
CA THR A 169 12.08 11.84 11.76
C THR A 169 12.14 11.92 10.24
N GLN A 170 11.41 12.88 9.63
CA GLN A 170 11.35 13.01 8.16
C GLN A 170 12.32 14.09 7.69
N GLN A 171 13.01 13.80 6.59
CA GLN A 171 14.00 14.71 6.00
C GLN A 171 13.88 14.65 4.48
N ALA A 172 13.91 15.81 3.84
CA ALA A 172 14.08 15.94 2.37
C ALA A 172 14.86 17.23 2.10
N SER A 173 15.71 17.22 1.08
CA SER A 173 16.45 18.42 0.67
C SER A 173 16.26 18.62 -0.82
N VAL A 174 15.88 19.82 -1.24
CA VAL A 174 15.59 20.11 -2.68
C VAL A 174 16.59 21.10 -3.22
N ASP A 175 17.13 20.84 -4.41
CA ASP A 175 17.88 21.87 -5.20
C ASP A 175 16.88 22.55 -6.14
N PHE A 176 16.47 23.78 -5.78
CA PHE A 176 15.36 24.51 -6.43
C PHE A 176 15.69 24.67 -7.92
N SER A 177 14.63 24.50 -8.71
CA SER A 177 14.54 24.82 -10.15
C SER A 177 13.05 24.95 -10.45
N SER A 178 12.68 25.50 -11.60
CA SER A 178 11.27 25.56 -12.03
C SER A 178 10.77 24.13 -12.32
N THR A 179 11.59 23.32 -13.00
CA THR A 179 11.26 21.91 -13.37
C THR A 179 11.16 21.03 -12.11
N SER A 180 12.12 21.15 -11.19
CA SER A 180 12.13 20.31 -9.96
C SER A 180 10.94 20.69 -9.06
N PHE A 181 10.56 21.97 -9.00
CA PHE A 181 9.49 22.45 -8.11
C PHE A 181 8.15 21.80 -8.48
N VAL A 182 7.79 21.75 -9.76
CA VAL A 182 6.42 21.33 -10.22
C VAL A 182 6.24 19.81 -10.09
N LYS A 183 7.24 18.99 -10.40
CA LYS A 183 7.08 17.53 -10.30
C LYS A 183 7.45 17.06 -8.88
N GLU A 184 8.26 17.85 -8.18
CA GLU A 184 8.97 17.38 -6.98
C GLU A 184 8.36 17.99 -5.72
N VAL A 185 7.86 19.22 -5.77
CA VAL A 185 7.34 19.91 -4.55
C VAL A 185 5.87 20.29 -4.69
N SER A 186 5.39 20.57 -5.90
CA SER A 186 4.13 21.33 -6.10
C SER A 186 2.89 20.50 -5.77
N ARG A 187 2.91 19.16 -5.91
CA ARG A 187 1.67 18.36 -5.71
C ARG A 187 1.51 17.93 -4.24
N ALA A 188 2.44 18.29 -3.36
CA ALA A 188 2.46 17.88 -1.93
C ALA A 188 1.33 18.58 -1.15
N ARG A 189 0.36 17.81 -0.64
CA ARG A 189 -0.87 18.34 0.03
C ARG A 189 -0.63 18.73 1.49
N THR A 190 -1.47 19.64 1.95
CA THR A 190 -1.74 20.03 3.34
C THR A 190 -2.14 18.78 4.11
N PHE A 191 -1.83 18.73 5.40
CA PHE A 191 -2.20 17.59 6.26
C PHE A 191 -2.80 18.08 7.58
N GLY A 192 -3.74 17.31 8.07
CA GLY A 192 -4.29 17.44 9.44
C GLY A 192 -4.08 16.15 10.18
N PHE A 193 -4.27 16.17 11.49
CA PHE A 193 -4.26 14.94 12.32
C PHE A 193 -5.62 14.77 12.98
N MET A 194 -6.13 13.53 12.98
CA MET A 194 -7.36 13.19 13.73
C MET A 194 -7.27 13.78 15.13
N ARG A 195 -6.12 13.69 15.79
CA ARG A 195 -6.03 13.99 17.25
C ARG A 195 -6.12 15.50 17.53
N ASP A 196 -6.09 16.38 16.51
CA ASP A 196 -6.30 17.84 16.73
C ASP A 196 -7.76 18.21 16.45
N ILE A 197 -8.68 17.24 16.32
CA ILE A 197 -10.06 17.50 15.78
C ILE A 197 -10.90 18.35 16.74
N GLU A 198 -10.84 18.09 18.05
CA GLU A 198 -11.51 18.92 19.10
C GLU A 198 -10.88 20.32 19.07
N TYR A 199 -9.57 20.37 19.32
CA TYR A 199 -8.78 21.63 19.42
C TYR A 199 -8.94 22.43 18.13
N LEU A 200 -8.83 21.79 16.97
CA LEU A 200 -8.81 22.51 15.67
C LEU A 200 -10.08 23.35 15.55
N ARG A 201 -11.25 22.76 15.79
CA ARG A 201 -12.51 23.44 15.40
C ARG A 201 -13.04 24.29 16.56
N SER A 202 -12.52 24.15 17.78
CA SER A 202 -12.89 25.03 18.93
C SER A 202 -12.52 26.49 18.60
N GLN A 203 -11.41 26.68 17.89
CA GLN A 203 -10.86 28.03 17.56
C GLN A 203 -11.26 28.40 16.13
N ASN A 204 -12.30 27.76 15.59
CA ASN A 204 -12.82 28.04 14.23
C ASN A 204 -11.70 27.89 13.19
N LEU A 205 -11.02 26.75 13.20
CA LEU A 205 -9.94 26.43 12.22
C LEU A 205 -10.28 25.13 11.48
N ALA A 206 -9.82 25.04 10.23
CA ALA A 206 -10.05 23.92 9.30
C ALA A 206 -11.56 23.67 9.12
N LEU A 207 -12.38 24.73 9.21
CA LEU A 207 -13.85 24.60 9.00
C LEU A 207 -14.14 24.02 7.61
N GLY A 208 -13.30 24.28 6.61
CA GLY A 208 -13.44 23.75 5.23
C GLY A 208 -12.60 22.52 4.95
N GLY A 209 -11.90 21.97 5.96
CA GLY A 209 -10.98 20.82 5.79
C GLY A 209 -11.72 19.51 5.58
N SER A 210 -11.28 18.71 4.63
CA SER A 210 -11.87 17.38 4.31
C SER A 210 -10.83 16.55 3.57
N VAL A 211 -11.14 15.30 3.28
CA VAL A 211 -10.23 14.40 2.52
C VAL A 211 -10.05 14.95 1.09
N GLU A 212 -10.96 15.81 0.63
CA GLU A 212 -10.91 16.36 -0.75
C GLU A 212 -9.87 17.50 -0.83
N ASN A 213 -9.41 18.09 0.28
CA ASN A 213 -8.44 19.22 0.22
C ASN A 213 -7.27 19.04 1.19
N ALA A 214 -7.08 17.87 1.80
CA ALA A 214 -5.95 17.63 2.74
C ALA A 214 -5.72 16.14 3.02
N ILE A 215 -4.53 15.80 3.51
CA ILE A 215 -4.26 14.44 4.08
C ILE A 215 -4.88 14.41 5.48
N VAL A 216 -5.93 13.64 5.67
CA VAL A 216 -6.49 13.44 7.03
C VAL A 216 -5.88 12.18 7.59
N VAL A 217 -5.25 12.29 8.75
CA VAL A 217 -4.48 11.18 9.32
C VAL A 217 -5.19 10.72 10.59
N ASP A 218 -5.53 9.43 10.63
CA ASP A 218 -6.00 8.73 11.85
C ASP A 218 -4.79 8.19 12.58
N GLU A 219 -4.94 7.90 13.86
CA GLU A 219 -3.87 7.30 14.71
C GLU A 219 -3.17 6.16 13.95
N ASN A 220 -3.92 5.23 13.34
CA ASN A 220 -3.32 4.03 12.72
C ASN A 220 -2.67 4.35 11.37
N ARG A 221 -3.31 5.13 10.49
CA ARG A 221 -2.82 5.31 9.10
C ARG A 221 -3.44 6.54 8.42
N VAL A 222 -3.01 6.81 7.18
CA VAL A 222 -3.57 7.87 6.31
C VAL A 222 -4.92 7.39 5.77
N LEU A 223 -6.02 8.06 6.13
CA LEU A 223 -7.40 7.63 5.77
C LEU A 223 -7.70 7.86 4.28
N ASN A 224 -7.14 8.91 3.66
CA ASN A 224 -7.34 9.20 2.22
C ASN A 224 -7.17 7.91 1.42
N GLU A 225 -8.12 7.58 0.55
CA GLU A 225 -8.29 6.19 0.04
C GLU A 225 -7.18 5.83 -0.94
N ASP A 226 -6.57 6.78 -1.65
CA ASP A 226 -5.46 6.45 -2.58
C ASP A 226 -4.13 6.82 -1.94
N GLY A 227 -4.12 7.13 -0.65
CA GLY A 227 -2.89 7.32 0.14
C GLY A 227 -2.16 8.59 -0.23
N LEU A 228 -0.89 8.46 -0.60
CA LEU A 228 0.05 9.60 -0.66
C LEU A 228 0.59 9.73 -2.08
N ARG A 229 0.64 10.98 -2.53
CA ARG A 229 1.18 11.36 -3.86
C ARG A 229 2.69 11.12 -3.86
N TYR A 230 3.38 11.46 -2.77
CA TYR A 230 4.82 11.15 -2.56
C TYR A 230 4.96 10.35 -1.26
N GLU A 231 5.92 9.42 -1.18
CA GLU A 231 6.26 8.67 0.06
C GLU A 231 6.56 9.69 1.18
N ASP A 232 7.19 10.80 0.81
CA ASP A 232 7.71 11.81 1.76
C ASP A 232 6.85 13.08 1.65
N GLU A 233 5.54 12.93 1.44
CA GLU A 233 4.62 14.05 1.07
C GLU A 233 4.53 15.06 2.22
N PHE A 234 4.50 14.61 3.48
CA PHE A 234 4.34 15.52 4.64
C PHE A 234 5.47 16.55 4.60
N VAL A 235 6.69 16.07 4.39
CA VAL A 235 7.93 16.89 4.49
C VAL A 235 8.10 17.70 3.18
N LYS A 236 7.65 17.20 2.03
CA LYS A 236 7.70 17.98 0.75
C LYS A 236 6.74 19.18 0.84
N HIS A 237 5.61 19.02 1.52
CA HIS A 237 4.67 20.14 1.76
C HIS A 237 5.26 21.17 2.74
N LYS A 238 5.92 20.74 3.82
CA LYS A 238 6.62 21.67 4.76
C LYS A 238 7.61 22.52 3.95
N ILE A 239 8.23 21.93 2.92
CA ILE A 239 9.12 22.64 1.94
C ILE A 239 8.29 23.57 1.06
N LEU A 240 7.12 23.12 0.62
CA LEU A 240 6.18 23.96 -0.16
C LEU A 240 5.78 25.18 0.68
N ASP A 241 5.58 25.00 1.98
CA ASP A 241 5.14 26.08 2.91
C ASP A 241 6.24 27.12 3.09
N ALA A 242 7.51 26.73 3.10
CA ALA A 242 8.64 27.64 3.39
C ALA A 242 8.85 28.53 2.16
N ILE A 243 9.09 27.88 1.02
CA ILE A 243 9.34 28.52 -0.30
C ILE A 243 8.36 29.68 -0.45
N GLY A 244 7.09 29.41 -0.15
CA GLY A 244 6.00 30.39 -0.22
C GLY A 244 6.21 31.53 0.76
N ASP A 245 6.50 31.21 2.02
CA ASP A 245 6.69 32.19 3.13
C ASP A 245 7.92 33.06 2.86
N LEU A 246 8.98 32.49 2.31
CA LEU A 246 10.25 33.23 2.07
C LEU A 246 10.05 34.24 0.96
N TYR A 247 9.12 34.00 0.03
CA TYR A 247 8.94 34.84 -1.17
C TYR A 247 8.32 36.20 -0.78
N LEU A 248 7.80 36.34 0.45
CA LEU A 248 7.29 37.63 1.03
C LEU A 248 8.47 38.60 1.24
N LEU A 249 9.70 38.09 1.17
CA LEU A 249 10.97 38.85 1.09
C LEU A 249 10.90 39.83 -0.06
N GLY A 250 10.04 39.52 -1.05
CA GLY A 250 9.75 40.39 -2.20
C GLY A 250 10.59 40.01 -3.40
N ASN A 251 11.57 39.14 -3.25
CA ASN A 251 12.55 38.85 -4.32
C ASN A 251 13.03 37.40 -4.22
N SER A 252 13.45 36.83 -5.34
CA SER A 252 14.09 35.49 -5.39
C SER A 252 15.35 35.49 -4.52
N LEU A 253 15.59 34.36 -3.82
CA LEU A 253 16.78 34.14 -2.96
C LEU A 253 17.84 33.31 -3.68
N ILE A 254 19.06 33.84 -3.72
CA ILE A 254 20.29 33.03 -3.91
C ILE A 254 20.79 32.69 -2.51
N GLY A 255 20.58 31.47 -2.07
CA GLY A 255 21.03 31.08 -0.73
C GLY A 255 20.45 29.76 -0.32
N GLU A 256 20.78 29.29 0.88
CA GLU A 256 20.23 28.02 1.35
C GLU A 256 19.40 28.29 2.59
N PHE A 257 18.26 27.61 2.66
CA PHE A 257 17.37 27.59 3.83
C PHE A 257 17.31 26.19 4.44
N ARG A 258 17.35 26.11 5.77
CA ARG A 258 17.26 24.84 6.51
C ARG A 258 16.25 25.01 7.65
N GLY A 259 15.28 24.10 7.74
CA GLY A 259 14.21 24.13 8.75
C GLY A 259 14.26 22.90 9.61
N PHE A 260 14.09 23.05 10.93
CA PHE A 260 14.11 21.97 11.94
C PHE A 260 12.86 22.14 12.82
N LYS A 261 11.79 21.38 12.54
CA LYS A 261 10.48 21.49 13.24
C LYS A 261 9.90 22.91 13.14
N SER A 262 10.28 23.63 12.09
CA SER A 262 9.90 25.06 11.86
C SER A 262 8.50 25.13 11.23
N GLY A 263 7.90 26.33 11.31
CA GLY A 263 6.60 26.64 10.70
C GLY A 263 6.51 28.10 10.32
N HIS A 264 5.29 28.55 10.06
CA HIS A 264 5.00 29.89 9.48
C HIS A 264 5.55 30.98 10.38
N ALA A 265 5.34 30.84 11.70
CA ALA A 265 5.74 31.82 12.74
C ALA A 265 7.25 32.08 12.67
N LEU A 266 8.02 31.01 12.67
CA LEU A 266 9.50 31.06 12.72
C LEU A 266 10.00 31.53 11.36
N ASN A 267 9.39 31.02 10.28
CA ASN A 267 9.77 31.36 8.88
C ASN A 267 9.72 32.87 8.71
N ASN A 268 8.62 33.46 9.18
CA ASN A 268 8.44 34.93 9.14
C ASN A 268 9.43 35.57 10.10
N GLN A 269 9.65 34.93 11.25
CA GLN A 269 10.64 35.38 12.28
C GLN A 269 12.02 35.44 11.61
N LEU A 270 12.34 34.52 10.70
CA LEU A 270 13.68 34.48 10.05
C LEU A 270 13.85 35.63 9.04
N LEU A 271 12.82 35.91 8.24
CA LEU A 271 12.88 36.94 7.15
C LEU A 271 13.20 38.31 7.76
N ARG A 272 12.49 38.61 8.85
CA ARG A 272 12.53 39.92 9.53
C ARG A 272 13.92 40.12 10.13
N THR A 273 14.49 39.05 10.69
CA THR A 273 15.85 39.07 11.28
C THR A 273 16.84 39.36 10.15
N LEU A 274 16.63 38.73 8.99
CA LEU A 274 17.52 38.91 7.81
C LEU A 274 17.43 40.34 7.30
N ILE A 275 16.22 40.90 7.24
CA ILE A 275 16.04 42.28 6.70
C ILE A 275 16.82 43.26 7.58
N ALA A 276 16.65 43.13 8.89
CA ALA A 276 17.35 43.92 9.93
C ALA A 276 18.87 43.81 9.71
N ASP A 277 19.37 42.60 9.48
CA ASP A 277 20.82 42.30 9.35
C ASP A 277 21.30 42.65 7.93
N LYS A 278 21.44 43.95 7.62
CA LYS A 278 21.83 44.46 6.27
C LYS A 278 23.20 43.91 5.83
N ASP A 279 24.11 43.64 6.78
CA ASP A 279 25.48 43.13 6.49
C ASP A 279 25.42 41.75 5.85
N ALA A 280 24.33 41.01 6.09
CA ALA A 280 24.20 39.58 5.73
C ALA A 280 23.55 39.42 4.36
N TRP A 281 23.27 40.50 3.64
CA TRP A 281 22.69 40.36 2.28
C TRP A 281 23.02 41.55 1.37
N GLU A 282 22.74 41.37 0.09
CA GLU A 282 22.81 42.43 -0.95
C GLU A 282 21.80 42.09 -2.04
N VAL A 283 21.47 43.06 -2.86
CA VAL A 283 20.55 42.84 -4.01
C VAL A 283 21.41 42.72 -5.27
N VAL A 284 21.07 41.78 -6.17
CA VAL A 284 21.85 41.55 -7.42
C VAL A 284 20.94 41.27 -8.62
N THR A 285 21.49 41.56 -9.80
CA THR A 285 20.88 41.40 -11.14
C THR A 285 21.91 40.71 -12.04
N PHE A 286 21.48 40.07 -13.12
CA PHE A 286 22.39 39.29 -13.99
C PHE A 286 22.38 39.78 -15.43
N GLU A 287 23.55 40.21 -15.90
CA GLU A 287 23.79 40.60 -17.32
C GLU A 287 23.56 39.38 -18.21
N ASP A 288 23.97 38.21 -17.77
CA ASP A 288 24.00 37.00 -18.63
C ASP A 288 23.30 35.82 -17.94
N ALA A 289 22.50 35.07 -18.71
CA ALA A 289 21.73 33.89 -18.24
C ALA A 289 22.68 32.77 -17.77
N ARG A 290 23.81 32.60 -18.45
CA ARG A 290 24.79 31.50 -18.18
C ARG A 290 25.49 31.73 -16.83
N THR A 291 25.77 32.98 -16.44
CA THR A 291 26.45 33.34 -15.16
C THR A 291 25.50 33.17 -13.97
N ALA A 292 24.17 33.21 -14.17
CA ALA A 292 23.16 33.14 -13.09
C ALA A 292 22.93 31.70 -12.64
N PRO A 293 22.79 31.43 -11.34
CA PRO A 293 22.65 30.04 -10.86
C PRO A 293 21.25 29.41 -11.05
N ILE A 294 20.18 30.14 -10.72
CA ILE A 294 18.82 29.56 -10.49
C ILE A 294 18.01 29.60 -11.80
N SER A 295 17.37 28.49 -12.16
CA SER A 295 16.76 28.24 -13.49
C SER A 295 15.23 28.26 -13.43
N TYR A 296 14.57 28.95 -14.37
CA TYR A 296 13.10 29.16 -14.34
C TYR A 296 12.46 28.67 -15.64
N MET A 297 11.18 28.27 -15.57
CA MET A 297 10.44 27.76 -16.75
C MET A 297 10.38 28.90 -17.76
N ARG A 298 10.63 28.63 -19.03
CA ARG A 298 10.64 29.70 -20.06
C ARG A 298 9.22 29.83 -20.63
N PRO A 299 8.73 31.09 -20.78
CA PRO A 299 7.32 31.39 -21.08
C PRO A 299 6.51 30.47 -22.02
N MET B 1 -2.27 -42.97 -23.95
CA MET B 1 -3.35 -42.59 -22.97
C MET B 1 -2.78 -41.59 -21.94
N ILE B 2 -3.64 -41.01 -21.10
CA ILE B 2 -3.14 -40.20 -19.95
C ILE B 2 -2.62 -41.16 -18.87
N LYS B 3 -1.38 -40.96 -18.46
CA LYS B 3 -0.62 -41.94 -17.65
C LYS B 3 -0.36 -41.33 -16.28
N GLN B 4 -0.15 -42.18 -15.29
CA GLN B 4 0.13 -41.76 -13.89
C GLN B 4 1.53 -41.16 -13.83
N ARG B 5 1.79 -40.38 -12.78
CA ARG B 5 3.12 -39.77 -12.57
C ARG B 5 3.62 -40.07 -11.16
N THR B 6 4.93 -40.02 -10.99
CA THR B 6 5.59 -40.14 -9.67
C THR B 6 6.86 -39.27 -9.66
N LEU B 7 7.54 -39.19 -8.52
CA LEU B 7 8.81 -38.41 -8.42
C LEU B 7 9.93 -39.16 -9.15
N LYS B 8 10.77 -38.40 -9.85
CA LYS B 8 11.93 -38.90 -10.63
C LYS B 8 13.10 -39.14 -9.67
N ASN B 9 13.14 -38.43 -8.55
CA ASN B 9 14.29 -38.50 -7.63
C ASN B 9 13.76 -38.47 -6.21
N ILE B 10 14.59 -38.88 -5.26
CA ILE B 10 14.39 -38.58 -3.82
C ILE B 10 14.68 -37.09 -3.60
N ILE B 11 13.94 -36.48 -2.67
CA ILE B 11 14.20 -35.09 -2.19
C ILE B 11 14.11 -35.11 -0.68
N ARG B 12 14.93 -34.29 -0.05
CA ARG B 12 14.78 -34.04 1.40
C ARG B 12 14.59 -32.56 1.66
N ALA B 13 13.91 -32.27 2.75
CA ALA B 13 13.82 -30.93 3.33
C ALA B 13 13.67 -31.06 4.84
N THR B 14 13.70 -29.93 5.53
CA THR B 14 13.53 -29.85 7.00
C THR B 14 12.82 -28.54 7.27
N GLY B 15 12.01 -28.49 8.33
CA GLY B 15 11.32 -27.26 8.76
C GLY B 15 10.78 -27.40 10.16
N VAL B 16 9.73 -26.63 10.48
CA VAL B 16 9.03 -26.70 11.81
C VAL B 16 7.52 -26.85 11.61
N GLY B 17 6.92 -27.69 12.44
CA GLY B 17 5.46 -27.82 12.54
C GLY B 17 4.81 -26.53 13.01
N LEU B 18 3.76 -26.08 12.32
CA LEU B 18 2.96 -24.89 12.72
C LEU B 18 2.34 -25.13 14.10
N HIS B 19 1.76 -26.29 14.36
CA HIS B 19 0.93 -26.54 15.57
C HIS B 19 1.77 -27.19 16.66
N SER B 20 2.46 -28.28 16.36
CA SER B 20 3.33 -29.00 17.32
C SER B 20 4.48 -28.06 17.75
N GLY B 21 5.16 -27.40 16.80
CA GLY B 21 6.27 -26.47 17.08
C GLY B 21 7.62 -27.13 16.98
N GLU B 22 7.68 -28.44 16.74
CA GLU B 22 8.93 -29.25 16.71
C GLU B 22 9.64 -29.19 15.35
N LYS B 23 10.97 -29.33 15.33
CA LYS B 23 11.72 -29.61 14.07
C LYS B 23 11.16 -30.90 13.49
N VAL B 24 11.15 -31.01 12.17
CA VAL B 24 10.73 -32.26 11.46
C VAL B 24 11.52 -32.41 10.16
N TYR B 25 11.89 -33.66 9.83
CA TYR B 25 12.56 -34.02 8.56
C TYR B 25 11.49 -34.62 7.64
N LEU B 26 11.41 -34.10 6.41
CA LEU B 26 10.43 -34.59 5.43
C LEU B 26 11.18 -35.23 4.27
N THR B 27 10.82 -36.45 3.89
CA THR B 27 11.44 -37.10 2.72
C THR B 27 10.37 -37.52 1.72
N LEU B 28 10.64 -37.28 0.44
CA LEU B 28 9.71 -37.59 -0.66
C LEU B 28 10.37 -38.66 -1.52
N LYS B 29 9.63 -39.70 -1.90
CA LYS B 29 10.20 -40.83 -2.65
C LYS B 29 9.28 -41.20 -3.80
N PRO B 30 9.82 -41.69 -4.92
CA PRO B 30 9.03 -42.39 -5.93
C PRO B 30 8.24 -43.55 -5.29
N ALA B 31 7.05 -43.82 -5.81
CA ALA B 31 6.21 -44.97 -5.36
C ALA B 31 5.64 -45.71 -6.56
N PRO B 32 5.28 -47.00 -6.37
CA PRO B 32 4.73 -47.82 -7.46
C PRO B 32 3.33 -47.40 -7.91
N VAL B 33 2.95 -47.81 -9.12
CA VAL B 33 1.62 -47.48 -9.71
C VAL B 33 0.50 -48.04 -8.82
N ASP B 34 -0.61 -47.31 -8.77
CA ASP B 34 -1.85 -47.60 -8.00
C ASP B 34 -1.56 -47.53 -6.50
N THR B 35 -0.42 -46.96 -6.08
CA THR B 35 -0.07 -46.74 -4.66
C THR B 35 -0.85 -45.56 -4.08
N GLY B 36 -0.91 -44.46 -4.82
CA GLY B 36 -1.39 -43.17 -4.30
C GLY B 36 -0.35 -42.58 -3.37
N ILE B 37 -0.79 -41.73 -2.43
CA ILE B 37 0.10 -41.00 -1.49
C ILE B 37 0.07 -41.68 -0.12
N VAL B 38 1.20 -42.29 0.29
CA VAL B 38 1.30 -42.93 1.64
C VAL B 38 2.26 -42.13 2.55
N PHE B 39 1.81 -41.85 3.78
CA PHE B 39 2.60 -41.10 4.79
C PHE B 39 3.18 -42.10 5.79
N SER B 40 4.48 -42.00 6.03
CA SER B 40 5.23 -42.97 6.88
C SER B 40 5.81 -42.23 8.10
N ARG B 41 5.50 -42.68 9.31
CA ARG B 41 6.13 -42.12 10.55
C ARG B 41 7.33 -42.97 10.94
N THR B 42 8.54 -42.48 10.64
CA THR B 42 9.82 -43.23 10.75
C THR B 42 10.49 -43.03 12.11
N ASP B 43 9.89 -42.26 13.01
CA ASP B 43 10.42 -42.10 14.38
C ASP B 43 9.77 -43.14 15.31
N LEU B 44 9.04 -44.12 14.77
CA LEU B 44 8.31 -45.12 15.59
C LEU B 44 8.76 -46.55 15.25
N ASP B 45 8.65 -47.45 16.23
CA ASP B 45 9.18 -48.84 16.16
C ASP B 45 8.03 -49.83 16.35
N PRO B 46 7.55 -50.57 15.32
CA PRO B 46 8.05 -50.45 13.94
C PRO B 46 7.50 -49.22 13.22
N VAL B 47 7.96 -49.01 11.98
CA VAL B 47 7.52 -47.91 11.09
C VAL B 47 6.00 -48.07 10.84
N VAL B 48 5.26 -46.95 10.91
CA VAL B 48 3.77 -46.93 10.75
C VAL B 48 3.40 -46.19 9.46
N GLU B 49 2.53 -46.77 8.65
CA GLU B 49 2.09 -46.20 7.35
C GLU B 49 0.59 -45.89 7.38
N ILE B 50 0.25 -44.63 7.20
CA ILE B 50 -1.17 -44.19 7.00
C ILE B 50 -1.27 -43.67 5.57
N PRO B 51 -1.97 -44.36 4.66
CA PRO B 51 -2.33 -43.76 3.38
C PRO B 51 -3.05 -42.39 3.48
N ALA B 52 -2.81 -41.53 2.50
CA ALA B 52 -3.53 -40.24 2.32
C ALA B 52 -4.90 -40.53 1.69
N ARG B 53 -5.86 -40.93 2.53
CA ARG B 53 -7.21 -41.34 2.10
C ARG B 53 -8.27 -40.76 3.02
N ALA B 54 -9.39 -40.35 2.44
CA ALA B 54 -10.45 -39.57 3.12
C ALA B 54 -10.91 -40.31 4.38
N GLU B 55 -10.93 -41.65 4.34
CA GLU B 55 -11.44 -42.51 5.45
C GLU B 55 -10.43 -42.49 6.63
N ASN B 56 -9.17 -42.10 6.43
CA ASN B 56 -8.16 -42.08 7.51
C ASN B 56 -8.07 -40.70 8.19
N VAL B 57 -8.91 -39.73 7.81
CA VAL B 57 -8.96 -38.40 8.51
C VAL B 57 -9.62 -38.59 9.88
N GLY B 58 -8.94 -38.08 10.92
CA GLY B 58 -9.47 -37.96 12.29
C GLY B 58 -9.73 -36.50 12.57
N GLU B 59 -8.84 -35.83 13.32
CA GLU B 59 -9.02 -34.43 13.75
C GLU B 59 -9.15 -33.52 12.52
N THR B 60 -10.16 -32.67 12.46
CA THR B 60 -10.33 -31.70 11.35
C THR B 60 -10.46 -30.28 11.89
N THR B 61 -10.02 -30.01 13.11
CA THR B 61 -10.42 -28.81 13.88
C THR B 61 -9.70 -27.56 13.39
N MET B 62 -8.40 -27.60 13.11
CA MET B 62 -7.72 -26.39 12.57
C MET B 62 -6.70 -26.80 11.51
N SER B 63 -6.82 -28.01 10.99
CA SER B 63 -5.89 -28.65 10.04
C SER B 63 -6.48 -29.99 9.61
N THR B 64 -6.00 -30.61 8.54
CA THR B 64 -6.45 -31.99 8.17
C THR B 64 -5.48 -32.99 8.78
N THR B 65 -5.93 -33.82 9.71
CA THR B 65 -5.05 -34.77 10.44
C THR B 65 -5.44 -36.23 10.13
N LEU B 66 -4.47 -37.02 9.66
CA LEU B 66 -4.66 -38.47 9.33
C LEU B 66 -4.48 -39.32 10.61
N VAL B 67 -5.17 -40.45 10.75
CA VAL B 67 -5.17 -41.26 12.01
C VAL B 67 -5.14 -42.77 11.77
N LYS B 68 -4.17 -43.46 12.36
CA LYS B 68 -4.10 -44.94 12.46
C LYS B 68 -3.80 -45.32 13.91
N GLY B 69 -4.86 -45.45 14.71
CA GLY B 69 -4.80 -45.79 16.14
C GLY B 69 -4.11 -44.72 16.93
N ASP B 70 -3.07 -45.09 17.68
CA ASP B 70 -2.21 -44.19 18.50
C ASP B 70 -1.62 -43.10 17.62
N VAL B 71 -1.17 -43.49 16.43
CA VAL B 71 -0.22 -42.67 15.61
C VAL B 71 -1.02 -41.67 14.77
N LYS B 72 -0.46 -40.48 14.61
CA LYS B 72 -1.13 -39.39 13.86
C LYS B 72 -0.08 -38.63 13.03
N VAL B 73 -0.49 -38.19 11.83
CA VAL B 73 0.27 -37.28 10.94
C VAL B 73 -0.60 -36.05 10.68
N ASP B 74 -0.05 -34.84 10.81
CA ASP B 74 -0.89 -33.61 10.90
C ASP B 74 -0.52 -32.56 9.84
N THR B 75 -1.48 -31.67 9.51
CA THR B 75 -1.34 -30.52 8.56
C THR B 75 -0.94 -31.01 7.17
N VAL B 76 -1.65 -32.01 6.63
CA VAL B 76 -1.32 -32.64 5.33
C VAL B 76 -1.79 -31.78 4.15
N GLU B 77 -2.60 -30.74 4.38
CA GLU B 77 -3.41 -30.13 3.29
C GLU B 77 -2.51 -29.42 2.25
N HIS B 78 -1.49 -28.68 2.66
CA HIS B 78 -0.71 -27.83 1.71
C HIS B 78 0.05 -28.71 0.73
N LEU B 79 0.80 -29.68 1.26
CA LEU B 79 1.66 -30.61 0.49
C LEU B 79 0.78 -31.42 -0.47
N LEU B 80 -0.40 -31.86 -0.02
CA LEU B 80 -1.35 -32.66 -0.84
C LEU B 80 -1.90 -31.79 -1.97
N SER B 81 -1.95 -30.47 -1.78
CA SER B 81 -2.35 -29.49 -2.81
C SER B 81 -1.26 -29.39 -3.89
N ALA B 82 0.00 -29.27 -3.50
CA ALA B 82 1.10 -29.13 -4.48
C ALA B 82 1.05 -30.33 -5.42
N MET B 83 0.83 -31.51 -4.85
CA MET B 83 0.81 -32.80 -5.59
C MET B 83 -0.44 -32.94 -6.47
N ALA B 84 -1.62 -32.47 -6.04
CA ALA B 84 -2.83 -32.40 -6.91
C ALA B 84 -2.53 -31.49 -8.11
N GLY B 85 -1.83 -30.39 -7.85
CA GLY B 85 -1.53 -29.30 -8.82
C GLY B 85 -0.44 -29.66 -9.82
N LEU B 86 0.51 -30.52 -9.46
CA LEU B 86 1.51 -31.01 -10.44
C LEU B 86 1.06 -32.40 -10.91
N GLY B 87 -0.04 -32.92 -10.37
CA GLY B 87 -0.68 -34.15 -10.84
C GLY B 87 0.12 -35.40 -10.46
N ILE B 88 0.66 -35.41 -9.24
CA ILE B 88 1.44 -36.57 -8.72
C ILE B 88 0.46 -37.57 -8.09
N ASP B 89 0.37 -38.77 -8.65
CA ASP B 89 -0.56 -39.82 -8.16
C ASP B 89 0.14 -40.65 -7.09
N ASN B 90 1.40 -40.99 -7.30
CA ASN B 90 2.13 -41.98 -6.46
C ASN B 90 3.42 -41.37 -5.91
N ALA B 91 3.56 -41.33 -4.57
CA ALA B 91 4.78 -40.91 -3.85
C ALA B 91 4.74 -41.43 -2.41
N TYR B 92 5.90 -41.71 -1.82
CA TYR B 92 6.01 -41.96 -0.36
C TYR B 92 6.39 -40.64 0.30
N VAL B 93 5.78 -40.37 1.45
CA VAL B 93 6.13 -39.21 2.31
C VAL B 93 6.55 -39.75 3.67
N GLU B 94 7.76 -39.44 4.09
CA GLU B 94 8.24 -39.87 5.41
C GLU B 94 8.40 -38.64 6.30
N LEU B 95 8.08 -38.79 7.58
CA LEU B 95 8.23 -37.70 8.57
C LEU B 95 8.89 -38.25 9.84
N SER B 96 9.66 -37.42 10.52
CA SER B 96 10.34 -37.79 11.77
C SER B 96 9.54 -37.30 12.98
N ALA B 97 8.45 -36.54 12.76
CA ALA B 97 7.57 -36.01 13.83
C ALA B 97 6.10 -36.13 13.40
N SER B 98 5.18 -35.77 14.30
CA SER B 98 3.72 -35.94 14.12
C SER B 98 3.21 -35.07 12.96
N GLU B 99 3.82 -33.90 12.72
CA GLU B 99 3.25 -32.87 11.82
C GLU B 99 4.19 -32.60 10.64
N VAL B 100 3.58 -32.37 9.48
CA VAL B 100 4.24 -31.88 8.24
C VAL B 100 4.72 -30.46 8.51
N PRO B 101 5.91 -30.06 7.97
CA PRO B 101 6.42 -28.71 8.18
C PRO B 101 5.55 -27.65 7.50
N ILE B 102 5.27 -26.57 8.22
CA ILE B 102 4.48 -25.43 7.69
C ILE B 102 5.24 -24.76 6.53
N MET B 103 6.57 -24.69 6.61
CA MET B 103 7.47 -23.99 5.64
C MET B 103 7.11 -22.49 5.64
N ASP B 104 6.73 -21.91 4.50
CA ASP B 104 6.30 -20.48 4.40
C ASP B 104 4.79 -20.34 4.58
N GLY B 105 4.05 -21.42 4.88
CA GLY B 105 2.58 -21.41 5.09
C GLY B 105 1.81 -21.57 3.79
N SER B 106 2.50 -21.78 2.68
CA SER B 106 1.91 -22.01 1.33
C SER B 106 2.38 -23.33 0.74
N ALA B 107 1.92 -23.66 -0.46
CA ALA B 107 2.30 -24.89 -1.21
C ALA B 107 3.51 -24.60 -2.09
N GLY B 108 4.00 -23.35 -2.14
CA GLY B 108 5.10 -22.92 -3.03
C GLY B 108 6.37 -23.74 -2.84
N PRO B 109 6.84 -23.91 -1.58
CA PRO B 109 8.05 -24.69 -1.30
C PRO B 109 7.97 -26.15 -1.74
N PHE B 110 6.82 -26.79 -1.52
CA PHE B 110 6.56 -28.18 -1.97
C PHE B 110 6.50 -28.23 -3.50
N VAL B 111 5.95 -27.20 -4.15
CA VAL B 111 5.94 -27.13 -5.65
C VAL B 111 7.39 -27.11 -6.14
N PHE B 112 8.24 -26.26 -5.53
CA PHE B 112 9.69 -26.14 -5.81
C PHE B 112 10.40 -27.49 -5.58
N LEU B 113 10.07 -28.19 -4.50
CA LEU B 113 10.60 -29.55 -4.17
C LEU B 113 10.23 -30.52 -5.30
N ILE B 114 8.99 -30.49 -5.81
CA ILE B 114 8.54 -31.48 -6.83
C ILE B 114 9.13 -31.12 -8.20
N GLN B 115 9.20 -29.84 -8.57
CA GLN B 115 9.77 -29.42 -9.89
C GLN B 115 11.26 -29.78 -9.98
N SER B 116 12.04 -29.64 -8.89
CA SER B 116 13.51 -29.92 -8.89
C SER B 116 13.77 -31.41 -9.07
N ALA B 117 13.04 -32.28 -8.36
CA ALA B 117 13.14 -33.76 -8.49
C ALA B 117 12.59 -34.21 -9.85
N GLY B 118 11.60 -33.52 -10.40
CA GLY B 118 10.99 -33.89 -11.69
C GLY B 118 9.86 -34.90 -11.51
N LEU B 119 8.97 -35.01 -12.50
CA LEU B 119 7.89 -36.02 -12.53
C LEU B 119 8.30 -37.18 -13.44
N GLN B 120 8.00 -38.41 -13.01
CA GLN B 120 8.20 -39.64 -13.81
C GLN B 120 6.85 -40.15 -14.32
N GLU B 121 6.66 -40.21 -15.64
CA GLU B 121 5.45 -40.85 -16.21
C GLU B 121 5.59 -42.35 -15.94
N GLN B 122 4.47 -43.02 -15.70
CA GLN B 122 4.42 -44.45 -15.30
C GLN B 122 3.60 -45.22 -16.32
N GLU B 123 3.99 -46.46 -16.63
CA GLU B 123 3.28 -47.32 -17.61
C GLU B 123 2.02 -47.89 -16.94
N ALA B 124 0.99 -47.06 -16.84
CA ALA B 124 -0.35 -47.39 -16.28
C ALA B 124 -1.29 -46.24 -16.65
N ALA B 125 -2.59 -46.50 -16.67
CA ALA B 125 -3.61 -45.48 -17.00
C ALA B 125 -3.91 -44.65 -15.76
N LYS B 126 -3.91 -43.33 -15.90
CA LYS B 126 -4.38 -42.40 -14.85
C LYS B 126 -5.89 -42.52 -14.72
N LYS B 127 -6.37 -42.51 -13.50
CA LYS B 127 -7.81 -42.67 -13.19
C LYS B 127 -8.30 -41.39 -12.53
N PHE B 128 -9.58 -41.09 -12.76
CA PHE B 128 -10.24 -39.86 -12.28
C PHE B 128 -11.61 -40.26 -11.72
N ILE B 129 -12.08 -39.53 -10.70
CA ILE B 129 -13.47 -39.58 -10.19
C ILE B 129 -14.26 -38.57 -11.01
N ARG B 130 -15.17 -39.01 -11.88
CA ARG B 130 -16.02 -38.07 -12.64
C ARG B 130 -17.26 -37.81 -11.80
N ILE B 131 -17.68 -36.55 -11.64
CA ILE B 131 -18.89 -36.18 -10.83
C ILE B 131 -20.12 -36.18 -11.75
N LYS B 132 -21.04 -37.12 -11.49
CA LYS B 132 -22.24 -37.38 -12.33
C LYS B 132 -23.37 -36.44 -11.93
N ARG B 133 -23.55 -36.15 -10.64
CA ARG B 133 -24.65 -35.25 -10.18
C ARG B 133 -24.30 -34.55 -8.86
N GLU B 134 -25.06 -33.50 -8.54
CA GLU B 134 -24.82 -32.57 -7.41
C GLU B 134 -24.83 -33.33 -6.08
N VAL B 135 -23.79 -33.12 -5.28
CA VAL B 135 -23.70 -33.66 -3.90
C VAL B 135 -23.43 -32.47 -2.99
N SER B 136 -24.23 -32.28 -1.94
CA SER B 136 -24.15 -31.10 -1.05
C SER B 136 -24.08 -31.55 0.41
N VAL B 137 -23.27 -30.87 1.22
CA VAL B 137 -23.20 -31.07 2.70
C VAL B 137 -23.33 -29.71 3.38
N GLU B 138 -24.01 -29.66 4.53
CA GLU B 138 -24.27 -28.38 5.24
C GLU B 138 -23.97 -28.53 6.73
N GLU B 139 -23.50 -27.44 7.33
CA GLU B 139 -23.26 -27.33 8.79
C GLU B 139 -23.79 -25.97 9.24
N GLY B 140 -25.10 -25.84 9.34
CA GLY B 140 -25.76 -24.54 9.57
C GLY B 140 -25.29 -23.53 8.52
N ASP B 141 -24.67 -22.43 8.96
CA ASP B 141 -24.24 -21.31 8.08
C ASP B 141 -23.33 -21.81 6.94
N LYS B 142 -22.62 -22.95 7.10
CA LYS B 142 -21.56 -23.39 6.15
C LYS B 142 -22.10 -24.41 5.13
N ARG B 143 -21.60 -24.34 3.89
CA ARG B 143 -22.04 -25.25 2.78
C ARG B 143 -20.88 -25.61 1.84
N ALA B 144 -20.88 -26.84 1.29
CA ALA B 144 -19.84 -27.33 0.34
C ALA B 144 -20.52 -28.23 -0.68
N VAL B 145 -20.15 -28.15 -1.97
CA VAL B 145 -20.90 -28.91 -2.99
C VAL B 145 -20.01 -29.32 -4.18
N PHE B 146 -20.20 -30.55 -4.63
CA PHE B 146 -19.64 -31.09 -5.89
C PHE B 146 -20.74 -31.03 -6.93
N VAL B 147 -20.46 -30.47 -8.10
CA VAL B 147 -21.42 -30.41 -9.22
C VAL B 147 -20.70 -30.91 -10.45
N PRO B 148 -21.40 -31.55 -11.42
CA PRO B 148 -20.74 -32.00 -12.65
C PRO B 148 -20.14 -30.84 -13.48
N PHE B 149 -18.99 -31.09 -14.07
CA PHE B 149 -18.25 -30.06 -14.86
C PHE B 149 -17.30 -30.76 -15.81
N ASP B 150 -17.11 -30.20 -16.99
CA ASP B 150 -16.14 -30.72 -17.97
C ASP B 150 -14.79 -30.03 -17.71
N GLY B 151 -14.14 -30.37 -16.61
CA GLY B 151 -12.85 -29.79 -16.15
C GLY B 151 -12.68 -29.89 -14.65
N PHE B 152 -11.79 -29.11 -14.05
CA PHE B 152 -11.74 -28.96 -12.57
C PHE B 152 -11.84 -27.48 -12.27
N LYS B 153 -12.93 -27.11 -11.63
CA LYS B 153 -13.21 -25.71 -11.26
C LYS B 153 -13.50 -25.69 -9.76
N VAL B 154 -12.77 -24.86 -9.05
CA VAL B 154 -12.94 -24.66 -7.60
C VAL B 154 -13.43 -23.23 -7.44
N SER B 155 -14.48 -23.04 -6.67
CA SER B 155 -15.04 -21.71 -6.35
C SER B 155 -15.12 -21.61 -4.84
N PHE B 156 -14.82 -20.44 -4.30
CA PHE B 156 -14.93 -20.25 -2.84
C PHE B 156 -15.49 -18.87 -2.54
N GLU B 157 -16.20 -18.76 -1.43
CA GLU B 157 -16.87 -17.52 -1.00
C GLU B 157 -16.75 -17.41 0.52
N ILE B 158 -16.13 -16.34 1.00
CA ILE B 158 -15.83 -16.21 2.45
C ILE B 158 -16.53 -14.98 3.00
N ASP B 159 -17.19 -15.16 4.14
CA ASP B 159 -17.98 -14.11 4.81
C ASP B 159 -17.41 -13.95 6.22
N PHE B 160 -16.19 -13.42 6.31
CA PHE B 160 -15.52 -13.08 7.59
C PHE B 160 -16.27 -11.90 8.22
N ASP B 161 -16.19 -11.80 9.54
CA ASP B 161 -16.67 -10.61 10.28
C ASP B 161 -15.44 -10.00 10.93
N HIS B 162 -14.57 -9.46 10.09
CA HIS B 162 -13.29 -8.83 10.49
C HIS B 162 -13.17 -7.52 9.73
N PRO B 163 -12.64 -6.46 10.38
CA PRO B 163 -12.51 -5.15 9.74
C PRO B 163 -11.62 -5.12 8.50
N VAL B 164 -10.71 -6.08 8.35
CA VAL B 164 -9.64 -6.06 7.31
C VAL B 164 -10.25 -6.22 5.91
N PHE B 165 -11.50 -6.66 5.81
CA PHE B 165 -12.14 -6.94 4.49
C PHE B 165 -13.03 -5.77 4.03
N ARG B 166 -13.21 -4.73 4.87
CA ARG B 166 -14.06 -3.53 4.59
C ARG B 166 -15.53 -3.98 4.39
N GLY B 167 -15.97 -4.97 5.16
CA GLY B 167 -17.38 -5.39 5.27
C GLY B 167 -17.88 -6.18 4.07
N ARG B 168 -16.99 -6.64 3.18
CA ARG B 168 -17.34 -7.35 1.93
C ARG B 168 -16.90 -8.81 2.03
N THR B 169 -17.62 -9.72 1.37
CA THR B 169 -17.23 -11.14 1.26
C THR B 169 -16.16 -11.29 0.19
N GLN B 170 -15.41 -12.39 0.25
CA GLN B 170 -14.29 -12.67 -0.67
C GLN B 170 -14.66 -13.82 -1.58
N GLN B 171 -14.37 -13.64 -2.86
CA GLN B 171 -14.77 -14.59 -3.91
C GLN B 171 -13.65 -14.69 -4.96
N ALA B 172 -13.38 -15.92 -5.37
CA ALA B 172 -12.51 -16.25 -6.51
C ALA B 172 -12.98 -17.59 -7.10
N SER B 173 -12.95 -17.69 -8.41
CA SER B 173 -13.31 -18.92 -9.14
C SER B 173 -12.11 -19.30 -9.98
N VAL B 174 -11.41 -20.37 -9.64
CA VAL B 174 -10.23 -20.79 -10.41
C VAL B 174 -10.63 -21.96 -11.30
N ASP B 175 -10.36 -21.85 -12.61
CA ASP B 175 -10.48 -22.95 -13.59
C ASP B 175 -9.13 -23.68 -13.67
N PHE B 176 -9.09 -24.90 -13.10
CA PHE B 176 -7.84 -25.61 -12.71
C PHE B 176 -7.06 -26.01 -13.97
N SER B 177 -5.74 -25.93 -13.79
CA SER B 177 -4.66 -26.36 -14.72
C SER B 177 -3.41 -26.46 -13.86
N SER B 178 -2.37 -27.13 -14.32
CA SER B 178 -1.04 -27.15 -13.65
C SER B 178 -0.37 -25.76 -13.72
N THR B 179 -0.53 -24.99 -14.81
CA THR B 179 0.08 -23.62 -14.98
C THR B 179 -0.67 -22.60 -14.11
N SER B 180 -2.00 -22.65 -14.11
CA SER B 180 -2.86 -21.72 -13.33
C SER B 180 -2.68 -22.01 -11.84
N PHE B 181 -2.47 -23.27 -11.44
CA PHE B 181 -2.32 -23.63 -10.02
C PHE B 181 -1.08 -22.93 -9.45
N VAL B 182 0.04 -22.96 -10.17
CA VAL B 182 1.37 -22.50 -9.63
C VAL B 182 1.44 -20.96 -9.55
N LYS B 183 1.12 -20.23 -10.62
CA LYS B 183 1.26 -18.75 -10.60
C LYS B 183 0.08 -18.18 -9.80
N GLU B 184 -1.07 -18.85 -9.87
CA GLU B 184 -2.37 -18.29 -9.45
C GLU B 184 -2.73 -18.68 -8.01
N VAL B 185 -2.39 -19.89 -7.54
CA VAL B 185 -2.93 -20.43 -6.26
C VAL B 185 -1.82 -20.81 -5.26
N SER B 186 -0.65 -21.25 -5.71
CA SER B 186 0.34 -21.98 -4.88
C SER B 186 1.03 -21.07 -3.85
N ARG B 187 1.20 -19.78 -4.14
CA ARG B 187 1.99 -18.89 -3.24
C ARG B 187 1.12 -18.35 -2.09
N ALA B 188 -0.18 -18.63 -2.08
CA ALA B 188 -1.15 -18.00 -1.14
C ALA B 188 -0.92 -18.58 0.26
N ARG B 189 -0.59 -17.72 1.23
CA ARG B 189 -0.16 -18.12 2.59
C ARG B 189 -1.31 -18.45 3.54
N THR B 190 -0.96 -19.19 4.58
CA THR B 190 -1.77 -19.49 5.78
C THR B 190 -1.98 -18.19 6.54
N PHE B 191 -3.11 -18.07 7.24
CA PHE B 191 -3.45 -16.85 8.00
C PHE B 191 -3.98 -17.19 9.38
N GLY B 192 -3.75 -16.28 10.32
CA GLY B 192 -4.39 -16.24 11.64
C GLY B 192 -4.80 -14.83 11.98
N PHE B 193 -5.36 -14.60 13.17
CA PHE B 193 -5.89 -13.28 13.60
C PHE B 193 -5.45 -12.97 15.03
N MET B 194 -5.21 -11.69 15.30
CA MET B 194 -4.87 -11.18 16.65
C MET B 194 -5.94 -11.62 17.65
N ARG B 195 -7.21 -11.69 17.26
CA ARG B 195 -8.31 -11.97 18.21
C ARG B 195 -8.33 -13.44 18.65
N ASP B 196 -7.79 -14.39 17.86
CA ASP B 196 -7.85 -15.84 18.21
C ASP B 196 -6.69 -16.24 19.12
N ILE B 197 -5.79 -15.32 19.47
CA ILE B 197 -4.46 -15.62 20.09
C ILE B 197 -4.64 -16.27 21.48
N GLU B 198 -5.57 -15.77 22.31
CA GLU B 198 -5.94 -16.37 23.64
C GLU B 198 -6.39 -17.82 23.44
N TYR B 199 -7.46 -18.00 22.66
CA TYR B 199 -8.07 -19.32 22.34
C TYR B 199 -7.05 -20.18 21.61
N LEU B 200 -6.28 -19.58 20.68
CA LEU B 200 -5.32 -20.31 19.82
C LEU B 200 -4.39 -21.16 20.70
N ARG B 201 -3.75 -20.56 21.70
CA ARG B 201 -2.65 -21.28 22.40
C ARG B 201 -3.17 -21.96 23.66
N SER B 202 -4.44 -21.75 24.01
CA SER B 202 -5.16 -22.54 25.05
C SER B 202 -5.14 -24.03 24.69
N GLN B 203 -5.39 -24.35 23.42
CA GLN B 203 -5.61 -25.75 22.96
C GLN B 203 -4.35 -26.27 22.28
N ASN B 204 -3.22 -25.56 22.44
CA ASN B 204 -1.89 -25.93 21.86
C ASN B 204 -1.89 -25.85 20.33
N LEU B 205 -2.31 -24.71 19.78
CA LEU B 205 -2.31 -24.49 18.30
C LEU B 205 -1.42 -23.29 17.96
N ALA B 206 -0.90 -23.29 16.73
CA ALA B 206 0.00 -22.25 16.16
C ALA B 206 1.14 -21.93 17.15
N LEU B 207 1.67 -22.95 17.82
CA LEU B 207 2.90 -22.86 18.66
C LEU B 207 4.10 -22.47 17.78
N GLY B 208 4.08 -22.81 16.48
CA GLY B 208 5.13 -22.48 15.51
C GLY B 208 4.76 -21.30 14.61
N GLY B 209 3.60 -20.67 14.85
CA GLY B 209 3.05 -19.61 14.00
C GLY B 209 3.79 -18.30 14.20
N SER B 210 4.13 -17.64 13.11
CA SER B 210 4.83 -16.34 13.14
C SER B 210 4.60 -15.66 11.79
N VAL B 211 5.12 -14.45 11.63
CA VAL B 211 5.02 -13.71 10.34
C VAL B 211 5.90 -14.42 9.30
N GLU B 212 6.82 -15.28 9.71
CA GLU B 212 7.73 -15.97 8.75
C GLU B 212 6.95 -17.07 8.02
N ASN B 213 5.89 -17.63 8.63
CA ASN B 213 5.17 -18.79 8.02
C ASN B 213 3.67 -18.52 7.85
N ALA B 214 3.16 -17.32 8.11
CA ALA B 214 1.71 -17.01 7.93
C ALA B 214 1.41 -15.51 7.88
N ILE B 215 0.21 -15.15 7.40
CA ILE B 215 -0.32 -13.76 7.50
C ILE B 215 -0.82 -13.55 8.93
N VAL B 216 -0.23 -12.59 9.63
CA VAL B 216 -0.73 -12.20 10.97
C VAL B 216 -1.58 -10.94 10.78
N VAL B 217 -2.80 -10.98 11.27
CA VAL B 217 -3.73 -9.83 11.04
C VAL B 217 -4.09 -9.18 12.38
N ASP B 218 -3.69 -7.92 12.54
CA ASP B 218 -4.15 -7.02 13.62
C ASP B 218 -5.56 -6.56 13.23
N GLU B 219 -6.35 -6.02 14.16
CA GLU B 219 -7.73 -5.64 13.79
C GLU B 219 -7.64 -4.57 12.68
N ASN B 220 -6.67 -3.66 12.76
CA ASN B 220 -6.58 -2.52 11.80
C ASN B 220 -6.14 -3.00 10.41
N ARG B 221 -5.04 -3.75 10.29
CA ARG B 221 -4.46 -4.08 8.96
C ARG B 221 -3.53 -5.29 9.06
N VAL B 222 -3.00 -5.74 7.92
CA VAL B 222 -2.01 -6.86 7.87
C VAL B 222 -0.66 -6.35 8.41
N LEU B 223 -0.04 -7.09 9.33
CA LEU B 223 1.23 -6.73 10.03
C LEU B 223 2.48 -7.16 9.22
N ASN B 224 2.33 -8.10 8.28
CA ASN B 224 3.45 -8.58 7.43
C ASN B 224 4.02 -7.39 6.67
N GLU B 225 5.33 -7.18 6.73
CA GLU B 225 6.00 -5.92 6.30
C GLU B 225 5.82 -5.71 4.80
N ASP B 226 5.72 -6.76 3.99
CA ASP B 226 5.56 -6.61 2.52
C ASP B 226 4.08 -6.76 2.12
N GLY B 227 3.19 -6.93 3.10
CA GLY B 227 1.74 -7.09 2.85
C GLY B 227 1.42 -8.42 2.22
N LEU B 228 0.67 -8.41 1.11
CA LEU B 228 0.04 -9.64 0.56
C LEU B 228 0.59 -9.94 -0.83
N ARG B 229 0.84 -11.22 -1.08
CA ARG B 229 1.35 -11.72 -2.38
C ARG B 229 0.25 -11.56 -3.44
N TYR B 230 -1.02 -11.71 -3.06
CA TYR B 230 -2.21 -11.50 -3.93
C TYR B 230 -3.17 -10.55 -3.23
N GLU B 231 -3.95 -9.78 -3.98
CA GLU B 231 -5.00 -8.89 -3.42
C GLU B 231 -6.03 -9.77 -2.71
N ASP B 232 -6.27 -10.95 -3.28
CA ASP B 232 -7.34 -11.88 -2.83
C ASP B 232 -6.71 -13.12 -2.18
N GLU B 233 -5.60 -12.95 -1.46
CA GLU B 233 -4.75 -14.06 -0.94
C GLU B 233 -5.52 -14.91 0.09
N PHE B 234 -6.31 -14.31 0.97
CA PHE B 234 -7.05 -15.06 2.03
C PHE B 234 -7.93 -16.13 1.36
N VAL B 235 -8.66 -15.75 0.31
CA VAL B 235 -9.61 -16.63 -0.41
C VAL B 235 -8.83 -17.63 -1.29
N LYS B 236 -7.73 -17.22 -1.92
CA LYS B 236 -6.93 -18.13 -2.78
C LYS B 236 -6.33 -19.25 -1.93
N HIS B 237 -5.91 -18.95 -0.70
CA HIS B 237 -5.43 -19.98 0.24
C HIS B 237 -6.58 -20.93 0.66
N LYS B 238 -7.78 -20.42 0.93
CA LYS B 238 -8.96 -21.28 1.24
C LYS B 238 -9.15 -22.27 0.08
N ILE B 239 -8.85 -21.85 -1.16
CA ILE B 239 -8.86 -22.72 -2.37
C ILE B 239 -7.68 -23.69 -2.35
N LEU B 240 -6.49 -23.23 -1.93
CA LEU B 240 -5.32 -24.10 -1.70
C LEU B 240 -5.72 -25.21 -0.70
N ASP B 241 -6.40 -24.84 0.39
CA ASP B 241 -6.89 -25.77 1.45
C ASP B 241 -7.87 -26.82 0.90
N ALA B 242 -8.72 -26.51 -0.09
CA ALA B 242 -9.71 -27.48 -0.61
C ALA B 242 -9.01 -28.46 -1.57
N ILE B 243 -8.27 -27.91 -2.53
CA ILE B 243 -7.58 -28.73 -3.56
C ILE B 243 -6.84 -29.87 -2.85
N GLY B 244 -6.07 -29.53 -1.81
CA GLY B 244 -5.34 -30.53 -1.01
C GLY B 244 -6.29 -31.47 -0.32
N ASP B 245 -7.32 -30.92 0.31
CA ASP B 245 -8.31 -31.73 1.06
C ASP B 245 -9.02 -32.70 0.12
N LEU B 246 -9.40 -32.29 -1.10
CA LEU B 246 -10.23 -33.13 -2.03
C LEU B 246 -9.40 -34.26 -2.63
N TYR B 247 -8.07 -34.19 -2.53
CA TYR B 247 -7.14 -35.11 -3.21
C TYR B 247 -6.92 -36.38 -2.36
N LEU B 248 -7.41 -36.39 -1.11
CA LEU B 248 -7.54 -37.57 -0.19
C LEU B 248 -8.64 -38.52 -0.70
N LEU B 249 -9.38 -38.10 -1.72
CA LEU B 249 -10.21 -38.98 -2.57
C LEU B 249 -9.32 -40.08 -3.14
N GLY B 250 -8.05 -39.74 -3.42
CA GLY B 250 -7.03 -40.68 -3.92
C GLY B 250 -6.92 -40.60 -5.42
N ASN B 251 -7.82 -39.86 -6.05
CA ASN B 251 -7.89 -39.76 -7.52
C ASN B 251 -8.27 -38.32 -7.88
N SER B 252 -7.87 -37.86 -9.05
CA SER B 252 -8.24 -36.53 -9.58
C SER B 252 -9.75 -36.46 -9.86
N LEU B 253 -10.28 -35.24 -9.87
CA LEU B 253 -11.73 -35.00 -10.09
C LEU B 253 -11.97 -34.28 -11.42
N ILE B 254 -13.02 -34.68 -12.14
CA ILE B 254 -13.53 -33.96 -13.33
C ILE B 254 -14.92 -33.47 -12.99
N GLY B 255 -15.00 -32.53 -12.05
CA GLY B 255 -16.26 -31.96 -11.56
C GLY B 255 -16.01 -30.58 -11.00
N GLU B 256 -17.07 -29.84 -10.69
CA GLU B 256 -16.88 -28.52 -10.08
C GLU B 256 -17.13 -28.64 -8.58
N PHE B 257 -16.33 -27.94 -7.80
CA PHE B 257 -16.49 -27.81 -6.33
C PHE B 257 -16.83 -26.35 -5.99
N ARG B 258 -17.77 -26.15 -5.07
CA ARG B 258 -18.14 -24.80 -4.58
C ARG B 258 -18.19 -24.80 -3.06
N GLY B 259 -17.42 -23.93 -2.43
CA GLY B 259 -17.37 -23.77 -0.96
C GLY B 259 -17.91 -22.42 -0.55
N PHE B 260 -18.70 -22.37 0.54
CA PHE B 260 -19.27 -21.14 1.15
C PHE B 260 -19.01 -21.20 2.67
N LYS B 261 -18.02 -20.44 3.14
CA LYS B 261 -17.58 -20.41 4.56
C LYS B 261 -17.17 -21.81 5.02
N SER B 262 -16.80 -22.68 4.08
CA SER B 262 -16.45 -24.09 4.36
C SER B 262 -15.06 -24.19 5.01
N GLY B 263 -14.68 -25.41 5.42
CA GLY B 263 -13.38 -25.68 6.04
C GLY B 263 -12.99 -27.13 5.88
N HIS B 264 -11.95 -27.53 6.60
CA HIS B 264 -11.34 -28.87 6.53
C HIS B 264 -12.38 -29.94 6.87
N ALA B 265 -13.14 -29.73 7.95
CA ALA B 265 -14.07 -30.73 8.56
C ALA B 265 -15.17 -31.06 7.56
N LEU B 266 -15.74 -30.03 6.97
CA LEU B 266 -16.90 -30.13 6.06
C LEU B 266 -16.41 -30.65 4.71
N ASN B 267 -15.18 -30.31 4.32
CA ASN B 267 -14.56 -30.82 3.05
C ASN B 267 -14.46 -32.33 3.13
N ASN B 268 -14.01 -32.84 4.28
CA ASN B 268 -13.89 -34.29 4.50
C ASN B 268 -15.31 -34.89 4.62
N GLN B 269 -16.23 -34.12 5.21
CA GLN B 269 -17.65 -34.54 5.35
C GLN B 269 -18.21 -34.72 3.94
N LEU B 270 -17.83 -33.84 3.02
CA LEU B 270 -18.32 -33.88 1.61
C LEU B 270 -17.74 -35.13 0.92
N LEU B 271 -16.47 -35.45 1.15
CA LEU B 271 -15.81 -36.59 0.46
C LEU B 271 -16.52 -37.89 0.85
N ARG B 272 -16.78 -38.09 2.14
CA ARG B 272 -17.35 -39.35 2.69
C ARG B 272 -18.78 -39.50 2.22
N THR B 273 -19.52 -38.40 2.11
CA THR B 273 -20.89 -38.38 1.56
C THR B 273 -20.80 -38.83 0.09
N LEU B 274 -19.84 -38.26 -0.66
CA LEU B 274 -19.66 -38.53 -2.10
C LEU B 274 -19.27 -40.00 -2.30
N ILE B 275 -18.46 -40.57 -1.39
CA ILE B 275 -18.05 -42.01 -1.48
C ILE B 275 -19.28 -42.91 -1.32
N ALA B 276 -20.14 -42.62 -0.33
CA ALA B 276 -21.38 -43.37 -0.06
C ALA B 276 -22.37 -43.23 -1.24
N ASP B 277 -22.43 -42.04 -1.87
CA ASP B 277 -23.30 -41.75 -3.04
C ASP B 277 -22.67 -42.30 -4.32
N LYS B 278 -22.63 -43.62 -4.50
CA LYS B 278 -22.02 -44.25 -5.69
C LYS B 278 -22.83 -43.93 -6.95
N ASP B 279 -24.08 -43.51 -6.76
CA ASP B 279 -25.01 -43.03 -7.81
C ASP B 279 -24.41 -41.86 -8.59
N ALA B 280 -23.70 -40.96 -7.89
CA ALA B 280 -23.29 -39.62 -8.38
C ALA B 280 -21.85 -39.60 -8.89
N TRP B 281 -21.14 -40.72 -8.95
CA TRP B 281 -19.80 -40.69 -9.58
C TRP B 281 -19.47 -41.99 -10.30
N GLU B 282 -18.57 -41.89 -11.26
CA GLU B 282 -18.02 -43.05 -12.00
C GLU B 282 -16.50 -42.87 -12.10
N VAL B 283 -15.78 -43.93 -12.43
CA VAL B 283 -14.31 -43.85 -12.69
C VAL B 283 -14.07 -44.01 -14.19
N VAL B 284 -13.23 -43.15 -14.76
CA VAL B 284 -12.99 -43.11 -16.23
C VAL B 284 -11.51 -42.83 -16.51
N THR B 285 -11.07 -43.20 -17.70
CA THR B 285 -9.65 -43.14 -18.16
C THR B 285 -9.65 -42.61 -19.58
N PHE B 286 -8.54 -42.00 -19.99
CA PHE B 286 -8.46 -41.29 -21.28
C PHE B 286 -7.48 -42.01 -22.21
N GLU B 287 -8.05 -42.80 -23.12
CA GLU B 287 -7.36 -43.49 -24.24
C GLU B 287 -6.67 -42.45 -25.14
N ASP B 288 -7.28 -41.28 -25.31
CA ASP B 288 -6.69 -40.14 -26.08
C ASP B 288 -6.67 -38.90 -25.18
N ALA B 289 -5.46 -38.37 -24.92
CA ALA B 289 -5.22 -37.14 -24.14
C ALA B 289 -5.91 -35.93 -24.77
N ARG B 290 -6.14 -35.95 -26.10
CA ARG B 290 -6.82 -34.87 -26.86
C ARG B 290 -8.31 -34.77 -26.49
N THR B 291 -8.79 -35.58 -25.53
CA THR B 291 -10.20 -35.56 -25.05
C THR B 291 -10.29 -35.21 -23.55
N ALA B 292 -9.21 -35.31 -22.78
CA ALA B 292 -9.19 -35.02 -21.33
C ALA B 292 -9.07 -33.51 -21.10
N PRO B 293 -10.05 -32.84 -20.45
CA PRO B 293 -10.03 -31.38 -20.36
C PRO B 293 -8.81 -30.76 -19.62
N ILE B 294 -8.52 -31.18 -18.39
CA ILE B 294 -7.48 -30.53 -17.52
C ILE B 294 -6.06 -30.79 -18.04
N SER B 295 -5.19 -29.81 -17.84
CA SER B 295 -3.80 -29.74 -18.35
C SER B 295 -2.80 -29.85 -17.18
N TYR B 296 -1.89 -30.82 -17.21
CA TYR B 296 -0.87 -31.05 -16.15
C TYR B 296 0.54 -30.78 -16.71
N MET B 297 1.45 -30.23 -15.91
CA MET B 297 2.78 -29.78 -16.41
C MET B 297 3.51 -31.01 -16.96
N ARG B 298 4.13 -30.89 -18.13
CA ARG B 298 5.02 -31.94 -18.70
C ARG B 298 6.31 -31.99 -17.86
N PRO B 299 6.85 -33.21 -17.58
CA PRO B 299 8.04 -33.42 -16.72
C PRO B 299 9.16 -32.37 -16.58
CL1 FY6 C . -8.79 18.55 8.32
C1 FY6 C . -7.49 19.73 8.60
C2 FY6 C . -7.16 20.09 9.90
C3 FY6 C . -6.14 21.00 10.11
C4 FY6 C . -5.46 21.54 9.03
C5 FY6 C . -5.78 21.17 7.72
C6 FY6 C . -6.80 20.26 7.52
C7 FY6 C . -4.37 22.51 9.35
C8 FY6 C . -3.56 22.92 8.13
C9 FY6 C . -2.20 23.43 8.56
N10 FY6 C . -1.26 23.08 7.50
C11 FY6 C . -0.76 23.87 6.53
N12 FY6 C . 0.06 23.10 5.79
C13 FY6 C . 0.07 21.85 6.30
C14 FY6 C . -0.76 21.84 7.38
C16 FY6 C . -1.02 25.30 6.26
C17 FY6 C . -2.51 25.59 6.22
O18 FY6 C . -0.54 25.69 4.98
ZN ZN D . 0.71 24.40 3.93
CL CL E . -11.71 40.51 7.37
CL1 FY6 F . -1.25 -17.58 14.49
C1 FY6 F . -1.92 -18.84 13.42
C2 FY6 F . -1.12 -19.40 12.42
C3 FY6 F . -1.63 -20.39 11.59
C4 FY6 F . -2.95 -20.80 11.73
C5 FY6 F . -3.74 -20.24 12.74
C6 FY6 F . -3.23 -19.26 13.57
C7 FY6 F . -3.49 -21.88 10.81
C8 FY6 F . -5.00 -21.87 10.82
C9 FY6 F . -5.65 -22.78 9.80
N10 FY6 F . -5.30 -22.43 8.43
C11 FY6 F . -4.87 -23.25 7.47
N12 FY6 F . -4.70 -22.50 6.34
C13 FY6 F . -5.05 -21.23 6.61
C14 FY6 F . -5.43 -21.19 7.92
C16 FY6 F . -4.58 -24.71 7.59
C17 FY6 F . -3.54 -24.95 8.67
O18 FY6 F . -4.08 -25.22 6.36
ZN ZN G . -4.18 -23.82 4.92
CL CL H . 2.00 -38.95 17.95
#